data_3WU0
#
_entry.id   3WU0
#
_cell.length_a   56.710
_cell.length_b   56.710
_cell.length_c   105.984
_cell.angle_alpha   90.00
_cell.angle_beta   90.00
_cell.angle_gamma   120.00
#
_symmetry.space_group_name_H-M   'P 31'
#
loop_
_entity.id
_entity.type
_entity.pdbx_description
1 polymer 'Protein C-ets-1'
2 water water
#
_entity_poly.entity_id   1
_entity_poly.type   'polypeptide(L)'
_entity_poly.pdbx_seq_one_letter_code
;SLQRVPSYDSFDSEDYPAALPNHKPKGTFKDYVRDRADLNKDKPVIPAAALAGYTGSGPIQLWQFLLELLTDKSCQSFIS
WTGDGWEFKLSDPDEVARRWGKRKNKPKMNYEKLSRGLRYYYDKNIIHKTAGKRYVYRFVCDLQSLLGYTPEELHAMLDV
KPDADE
;
_entity_poly.pdbx_strand_id   A,B
#
# COMPACT_ATOMS: atom_id res chain seq x y z
N LYS A 26 -11.30 9.90 -13.65
CA LYS A 26 -10.87 11.09 -14.43
C LYS A 26 -11.31 12.34 -13.69
N GLY A 27 -11.48 13.44 -14.43
CA GLY A 27 -11.90 14.68 -13.81
C GLY A 27 -10.90 15.19 -12.78
N THR A 28 -11.08 14.78 -11.53
CA THR A 28 -10.18 15.21 -10.45
C THR A 28 -9.71 14.01 -9.64
N PHE A 29 -8.74 14.26 -8.77
CA PHE A 29 -8.20 13.19 -7.92
C PHE A 29 -9.29 12.61 -7.01
N LYS A 30 -10.22 13.46 -6.62
CA LYS A 30 -11.31 13.00 -5.76
C LYS A 30 -12.03 11.80 -6.38
N ASP A 31 -12.45 11.94 -7.64
CA ASP A 31 -13.16 10.87 -8.32
C ASP A 31 -12.38 9.56 -8.31
N TYR A 32 -11.12 9.62 -8.73
CA TYR A 32 -10.27 8.44 -8.79
C TYR A 32 -10.14 7.73 -7.43
N VAL A 33 -10.41 8.45 -6.35
CA VAL A 33 -10.32 7.88 -5.01
C VAL A 33 -11.71 7.54 -4.50
N ARG A 34 -12.70 8.30 -4.97
CA ARG A 34 -14.09 8.09 -4.59
C ARG A 34 -14.59 6.77 -5.16
N ASP A 35 -14.21 6.49 -6.41
CA ASP A 35 -14.63 5.26 -7.06
C ASP A 35 -14.05 4.05 -6.33
N ARG A 36 -13.23 4.32 -5.33
CA ARG A 36 -12.61 3.25 -4.54
C ARG A 36 -13.38 3.01 -3.25
N ALA A 37 -14.34 3.89 -2.95
CA ALA A 37 -15.16 3.79 -1.75
C ALA A 37 -16.62 3.46 -2.08
N ASP A 38 -17.00 3.63 -3.33
CA ASP A 38 -18.36 3.37 -3.78
C ASP A 38 -18.39 2.33 -4.91
N LEU A 39 -17.23 2.12 -5.54
CA LEU A 39 -17.13 1.19 -6.64
C LEU A 39 -15.89 0.29 -6.51
N ASN A 40 -15.54 -0.06 -5.28
CA ASN A 40 -14.37 -0.91 -5.00
C ASN A 40 -14.60 -1.79 -3.78
N LYS A 41 -14.22 -3.07 -3.91
CA LYS A 41 -14.37 -4.06 -2.85
C LYS A 41 -13.62 -3.68 -1.57
N ASP A 42 -13.72 -4.55 -0.56
CA ASP A 42 -13.04 -4.31 0.71
C ASP A 42 -11.76 -5.13 0.79
N LYS A 43 -10.78 -4.60 1.51
CA LYS A 43 -9.49 -5.26 1.65
C LYS A 43 -9.62 -6.72 2.10
N PRO A 44 -8.60 -7.54 1.80
CA PRO A 44 -8.65 -8.94 2.21
C PRO A 44 -8.40 -9.02 3.70
N VAL A 45 -8.72 -10.17 4.29
CA VAL A 45 -8.53 -10.34 5.71
C VAL A 45 -7.05 -10.36 6.11
N ILE A 46 -6.24 -11.15 5.40
CA ILE A 46 -4.82 -11.27 5.71
C ILE A 46 -3.95 -10.64 4.62
N PRO A 47 -3.87 -9.30 4.57
CA PRO A 47 -3.06 -8.62 3.55
C PRO A 47 -1.60 -9.02 3.66
N ALA A 48 -0.97 -9.32 2.54
CA ALA A 48 0.43 -9.71 2.55
C ALA A 48 1.32 -8.62 3.15
N ALA A 49 0.99 -7.38 2.84
CA ALA A 49 1.77 -6.26 3.35
C ALA A 49 1.77 -6.24 4.88
N ALA A 50 0.59 -6.23 5.47
CA ALA A 50 0.49 -6.23 6.92
C ALA A 50 1.17 -7.46 7.50
N LEU A 51 0.90 -8.65 6.94
CA LEU A 51 1.49 -9.89 7.45
C LEU A 51 3.01 -9.83 7.43
N ALA A 52 3.58 -9.19 6.41
CA ALA A 52 5.03 -9.04 6.32
C ALA A 52 5.51 -8.16 7.46
N GLY A 53 4.87 -7.02 7.65
CA GLY A 53 5.27 -6.13 8.74
C GLY A 53 5.13 -6.82 10.08
N TYR A 54 4.08 -7.62 10.22
CA TYR A 54 3.83 -8.34 11.46
C TYR A 54 4.96 -9.32 11.79
N THR A 55 5.22 -10.27 10.90
CA THR A 55 6.28 -11.24 11.12
C THR A 55 7.67 -10.66 10.86
N GLY A 56 7.72 -9.42 10.38
CA GLY A 56 8.99 -8.77 10.10
C GLY A 56 9.85 -9.51 9.07
N SER A 57 9.21 -10.06 8.05
CA SER A 57 9.91 -10.81 7.00
C SER A 57 10.48 -9.87 5.94
N GLY A 58 10.20 -8.58 6.10
CA GLY A 58 10.69 -7.60 5.15
C GLY A 58 9.82 -7.59 3.90
N PRO A 59 10.37 -8.03 2.76
CA PRO A 59 9.63 -8.08 1.50
C PRO A 59 8.53 -9.15 1.59
N ILE A 60 7.42 -8.93 0.90
CA ILE A 60 6.30 -9.88 0.88
C ILE A 60 6.84 -11.26 0.50
N GLN A 61 6.35 -12.31 1.15
CA GLN A 61 6.77 -13.68 0.87
C GLN A 61 5.67 -14.34 0.04
N LEU A 62 6.05 -15.28 -0.82
CA LEU A 62 5.08 -15.97 -1.65
C LEU A 62 3.95 -16.55 -0.80
N TRP A 63 4.28 -17.20 0.30
CA TRP A 63 3.23 -17.80 1.12
C TRP A 63 2.30 -16.75 1.74
N GLN A 64 2.81 -15.54 1.98
CA GLN A 64 2.01 -14.46 2.55
C GLN A 64 1.06 -13.91 1.47
N PHE A 65 1.57 -13.82 0.24
CA PHE A 65 0.79 -13.35 -0.91
C PHE A 65 -0.35 -14.35 -1.18
N LEU A 66 -0.05 -15.64 -1.11
CA LEU A 66 -1.09 -16.63 -1.34
C LEU A 66 -2.20 -16.49 -0.30
N LEU A 67 -1.82 -16.10 0.92
CA LEU A 67 -2.78 -15.92 2.00
C LEU A 67 -3.70 -14.73 1.76
N GLU A 68 -3.18 -13.71 1.09
CA GLU A 68 -3.97 -12.53 0.79
C GLU A 68 -5.01 -12.89 -0.26
N LEU A 69 -4.59 -13.60 -1.30
CA LEU A 69 -5.50 -14.00 -2.35
C LEU A 69 -6.58 -14.90 -1.80
N LEU A 70 -6.21 -15.74 -0.83
CA LEU A 70 -7.17 -16.67 -0.23
C LEU A 70 -8.10 -15.96 0.73
N THR A 71 -7.72 -14.76 1.14
CA THR A 71 -8.55 -13.99 2.06
C THR A 71 -9.19 -12.78 1.37
N ASP A 72 -9.29 -12.88 0.05
CA ASP A 72 -9.89 -11.85 -0.79
C ASP A 72 -10.91 -12.54 -1.70
N LYS A 73 -12.19 -12.18 -1.52
CA LYS A 73 -13.30 -12.74 -2.29
C LYS A 73 -13.14 -12.57 -3.78
N SER A 74 -12.53 -11.46 -4.17
CA SER A 74 -12.35 -11.18 -5.60
C SER A 74 -11.36 -12.10 -6.28
N CYS A 75 -10.74 -13.01 -5.52
CA CYS A 75 -9.76 -13.92 -6.09
C CYS A 75 -10.21 -15.38 -6.11
N GLN A 76 -11.39 -15.65 -5.58
CA GLN A 76 -11.89 -17.00 -5.53
C GLN A 76 -12.04 -17.72 -6.88
N SER A 77 -11.78 -17.00 -7.96
CA SER A 77 -11.90 -17.58 -9.31
C SER A 77 -10.62 -18.34 -9.65
N PHE A 78 -9.49 -17.84 -9.17
CA PHE A 78 -8.24 -18.51 -9.47
C PHE A 78 -7.63 -19.25 -8.30
N ILE A 79 -8.05 -18.92 -7.08
CA ILE A 79 -7.52 -19.60 -5.90
C ILE A 79 -8.53 -19.57 -4.75
N SER A 80 -8.76 -20.73 -4.14
CA SER A 80 -9.72 -20.81 -3.07
C SER A 80 -9.44 -21.90 -2.06
N TRP A 81 -10.08 -21.78 -0.90
CA TRP A 81 -9.95 -22.76 0.15
C TRP A 81 -10.82 -23.96 -0.26
N THR A 82 -10.30 -25.16 -0.08
CA THR A 82 -11.06 -26.36 -0.43
C THR A 82 -12.15 -26.62 0.61
N GLY A 83 -11.93 -26.14 1.84
CA GLY A 83 -12.90 -26.35 2.88
C GLY A 83 -12.39 -27.25 3.99
N ASP A 84 -11.28 -27.92 3.72
CA ASP A 84 -10.67 -28.81 4.70
C ASP A 84 -9.45 -28.19 5.36
N GLY A 85 -9.68 -27.46 6.43
CA GLY A 85 -8.58 -26.82 7.12
C GLY A 85 -7.89 -25.73 6.31
N TRP A 86 -6.58 -25.84 6.17
CA TRP A 86 -5.81 -24.86 5.44
C TRP A 86 -5.50 -25.34 4.02
N GLU A 87 -6.30 -26.27 3.53
CA GLU A 87 -6.09 -26.77 2.18
C GLU A 87 -6.69 -25.78 1.18
N PHE A 88 -5.97 -25.57 0.08
CA PHE A 88 -6.46 -24.67 -0.96
C PHE A 88 -6.08 -25.26 -2.31
N LYS A 89 -6.72 -24.76 -3.37
CA LYS A 89 -6.46 -25.20 -4.75
C LYS A 89 -6.26 -23.99 -5.67
N LEU A 90 -5.58 -24.19 -6.78
CA LEU A 90 -5.37 -23.12 -7.74
C LEU A 90 -6.19 -23.47 -8.99
N SER A 91 -7.35 -22.84 -9.13
CA SER A 91 -8.23 -23.09 -10.25
C SER A 91 -7.66 -22.47 -11.53
N ASP A 92 -6.94 -21.36 -11.36
CA ASP A 92 -6.31 -20.67 -12.46
C ASP A 92 -4.88 -20.39 -12.04
N PRO A 93 -4.02 -21.41 -12.13
CA PRO A 93 -2.61 -21.30 -11.76
C PRO A 93 -1.92 -20.09 -12.38
N ASP A 94 -2.12 -19.91 -13.68
CA ASP A 94 -1.49 -18.80 -14.39
C ASP A 94 -1.86 -17.43 -13.85
N GLU A 95 -3.12 -17.25 -13.48
CA GLU A 95 -3.57 -15.97 -12.96
C GLU A 95 -2.94 -15.67 -11.59
N VAL A 96 -2.57 -16.72 -10.86
CA VAL A 96 -1.92 -16.55 -9.56
C VAL A 96 -0.49 -16.10 -9.81
N ALA A 97 0.19 -16.81 -10.70
CA ALA A 97 1.58 -16.50 -11.06
C ALA A 97 1.68 -15.12 -11.72
N ARG A 98 0.62 -14.71 -12.41
CA ARG A 98 0.60 -13.42 -13.05
C ARG A 98 0.52 -12.31 -12.00
N ARG A 99 -0.35 -12.48 -11.01
CA ARG A 99 -0.50 -11.49 -9.96
C ARG A 99 0.66 -11.43 -9.00
N TRP A 100 1.31 -12.56 -8.79
CA TRP A 100 2.47 -12.57 -7.91
C TRP A 100 3.57 -11.81 -8.61
N GLY A 101 3.60 -11.93 -9.95
CA GLY A 101 4.62 -11.24 -10.73
C GLY A 101 4.46 -9.72 -10.67
N LYS A 102 3.22 -9.27 -10.68
CA LYS A 102 2.92 -7.85 -10.62
C LYS A 102 3.28 -7.29 -9.25
N ARG A 103 2.82 -7.94 -8.19
CA ARG A 103 3.09 -7.48 -6.83
C ARG A 103 4.59 -7.40 -6.50
N LYS A 104 5.40 -8.18 -7.20
CA LYS A 104 6.83 -8.18 -6.97
C LYS A 104 7.64 -7.54 -8.10
N ASN A 105 6.95 -6.94 -9.08
CA ASN A 105 7.60 -6.30 -10.21
C ASN A 105 8.42 -7.31 -11.03
N LYS A 106 7.79 -8.42 -11.40
CA LYS A 106 8.43 -9.45 -12.19
C LYS A 106 7.50 -9.94 -13.30
N PRO A 107 7.51 -9.23 -14.45
CA PRO A 107 6.67 -9.55 -15.60
C PRO A 107 6.92 -10.91 -16.28
N LYS A 108 8.06 -11.53 -15.97
CA LYS A 108 8.36 -12.82 -16.58
C LYS A 108 7.96 -13.96 -15.64
N MET A 109 7.03 -13.68 -14.73
CA MET A 109 6.55 -14.66 -13.75
C MET A 109 5.51 -15.61 -14.32
N ASN A 110 5.80 -16.90 -14.24
CA ASN A 110 4.90 -17.95 -14.71
C ASN A 110 4.73 -18.95 -13.57
N TYR A 111 3.80 -19.87 -13.72
CA TYR A 111 3.55 -20.86 -12.70
C TYR A 111 4.78 -21.73 -12.42
N GLU A 112 5.49 -22.12 -13.47
CA GLU A 112 6.69 -22.95 -13.31
C GLU A 112 7.60 -22.41 -12.21
N LYS A 113 7.92 -21.13 -12.27
CA LYS A 113 8.76 -20.52 -11.23
C LYS A 113 8.01 -20.54 -9.89
N LEU A 114 6.74 -20.17 -9.90
CA LEU A 114 5.95 -20.12 -8.68
C LEU A 114 5.97 -21.51 -8.00
N SER A 115 5.98 -22.53 -8.85
CA SER A 115 6.00 -23.92 -8.41
C SER A 115 7.33 -24.21 -7.67
N ARG A 116 8.36 -23.44 -7.99
CA ARG A 116 9.67 -23.59 -7.35
C ARG A 116 9.57 -23.05 -5.93
N GLY A 117 8.71 -22.05 -5.74
CA GLY A 117 8.47 -21.49 -4.42
C GLY A 117 7.66 -22.48 -3.59
N LEU A 118 6.65 -23.09 -4.19
CA LEU A 118 5.83 -24.07 -3.49
C LEU A 118 6.69 -25.25 -3.05
N ARG A 119 7.51 -25.76 -3.96
CA ARG A 119 8.41 -26.87 -3.65
C ARG A 119 9.33 -26.46 -2.49
N TYR A 120 9.79 -25.22 -2.51
CA TYR A 120 10.64 -24.69 -1.46
C TYR A 120 9.90 -24.75 -0.10
N TYR A 121 8.62 -24.40 -0.12
CA TYR A 121 7.81 -24.41 1.08
C TYR A 121 7.54 -25.82 1.58
N TYR A 122 7.53 -26.79 0.65
CA TYR A 122 7.30 -28.17 1.01
C TYR A 122 8.46 -28.62 1.89
N ASP A 123 9.68 -28.25 1.49
CA ASP A 123 10.88 -28.59 2.23
C ASP A 123 10.94 -27.84 3.57
N LYS A 124 10.35 -26.65 3.63
CA LYS A 124 10.38 -25.86 4.87
C LYS A 124 9.13 -26.08 5.74
N ASN A 125 8.33 -27.08 5.40
CA ASN A 125 7.09 -27.41 6.12
C ASN A 125 6.17 -26.22 6.32
N ILE A 126 6.01 -25.45 5.26
CA ILE A 126 5.14 -24.30 5.28
C ILE A 126 3.88 -24.67 4.50
N ILE A 127 4.07 -25.26 3.32
CA ILE A 127 2.96 -25.68 2.48
C ILE A 127 3.23 -27.06 1.90
N HIS A 128 2.27 -27.95 1.99
CA HIS A 128 2.44 -29.28 1.41
C HIS A 128 1.43 -29.46 0.28
N LYS A 129 1.72 -30.44 -0.56
CA LYS A 129 0.90 -30.80 -1.69
C LYS A 129 0.06 -32.00 -1.33
N THR A 130 -1.23 -31.91 -1.66
CA THR A 130 -2.17 -33.00 -1.41
C THR A 130 -1.91 -34.10 -2.44
N ALA A 131 -1.63 -35.31 -1.95
CA ALA A 131 -1.38 -36.47 -2.80
C ALA A 131 -2.63 -36.84 -3.58
N GLY A 132 -2.46 -37.34 -4.79
CA GLY A 132 -3.59 -37.76 -5.61
C GLY A 132 -4.45 -36.65 -6.21
N LYS A 133 -3.94 -35.43 -6.14
CA LYS A 133 -4.67 -34.28 -6.67
C LYS A 133 -3.71 -33.33 -7.34
N ARG A 134 -4.24 -32.48 -8.23
CA ARG A 134 -3.41 -31.51 -8.91
C ARG A 134 -3.81 -30.11 -8.46
N TYR A 135 -2.82 -29.23 -8.32
CA TYR A 135 -3.06 -27.85 -7.91
C TYR A 135 -3.74 -27.70 -6.55
N VAL A 136 -3.59 -28.72 -5.69
CA VAL A 136 -4.16 -28.67 -4.35
C VAL A 136 -3.02 -28.74 -3.34
N TYR A 137 -2.94 -27.70 -2.50
CA TYR A 137 -1.89 -27.57 -1.50
C TYR A 137 -2.49 -27.30 -0.14
N ARG A 138 -1.66 -27.35 0.90
CA ARG A 138 -2.14 -27.15 2.26
C ARG A 138 -1.11 -26.52 3.18
N PHE A 139 -1.46 -25.41 3.80
CA PHE A 139 -0.55 -24.78 4.74
C PHE A 139 -0.39 -25.74 5.91
N VAL A 140 0.84 -26.09 6.27
CA VAL A 140 1.05 -27.01 7.38
C VAL A 140 1.71 -26.36 8.59
N CYS A 141 1.89 -25.05 8.56
CA CYS A 141 2.44 -24.39 9.73
C CYS A 141 1.27 -24.00 10.62
N ASP A 142 1.56 -23.61 11.85
CA ASP A 142 0.56 -23.23 12.84
C ASP A 142 -0.03 -21.84 12.55
N LEU A 143 -0.73 -21.71 11.42
CA LEU A 143 -1.35 -20.44 11.01
C LEU A 143 -2.39 -19.91 11.97
N GLN A 144 -3.08 -20.81 12.66
CA GLN A 144 -4.10 -20.39 13.60
C GLN A 144 -3.50 -19.57 14.72
N SER A 145 -2.37 -20.02 15.22
CA SER A 145 -1.68 -19.34 16.30
C SER A 145 -0.97 -18.06 15.86
N LEU A 146 -0.67 -17.98 14.57
CA LEU A 146 0.00 -16.82 13.98
C LEU A 146 -1.02 -15.78 13.57
N LEU A 147 -2.00 -16.22 12.78
CA LEU A 147 -3.05 -15.34 12.29
C LEU A 147 -4.09 -14.94 13.34
N GLY A 148 -4.49 -15.88 14.17
CA GLY A 148 -5.49 -15.57 15.17
C GLY A 148 -6.87 -16.02 14.70
N TYR A 149 -6.92 -16.75 13.60
CA TYR A 149 -8.20 -17.24 13.10
C TYR A 149 -8.15 -18.76 12.96
N THR A 150 -9.31 -19.39 12.84
CA THR A 150 -9.33 -20.83 12.64
C THR A 150 -9.73 -20.97 11.18
N PRO A 151 -9.47 -22.14 10.57
CA PRO A 151 -9.86 -22.29 9.16
C PRO A 151 -11.37 -22.09 9.00
N GLU A 152 -12.14 -22.73 9.88
CA GLU A 152 -13.60 -22.61 9.87
C GLU A 152 -14.03 -21.15 9.95
N GLU A 153 -13.41 -20.40 10.84
CA GLU A 153 -13.73 -18.99 11.02
C GLU A 153 -13.55 -18.22 9.70
N LEU A 154 -12.39 -18.38 9.05
CA LEU A 154 -12.13 -17.70 7.79
C LEU A 154 -13.05 -18.19 6.68
N HIS A 155 -13.35 -19.48 6.67
CA HIS A 155 -14.23 -20.01 5.63
C HIS A 155 -15.59 -19.32 5.65
N ALA A 156 -16.08 -19.01 6.86
CA ALA A 156 -17.37 -18.36 7.02
C ALA A 156 -17.30 -16.90 6.59
N MET A 157 -16.21 -16.23 6.97
CA MET A 157 -16.02 -14.83 6.61
C MET A 157 -15.93 -14.65 5.11
N LEU A 158 -15.47 -15.68 4.41
CA LEU A 158 -15.29 -15.62 2.95
C LEU A 158 -16.38 -16.42 2.24
N ASP A 159 -17.34 -16.93 3.01
CA ASP A 159 -18.43 -17.70 2.44
C ASP A 159 -17.88 -18.82 1.58
N VAL A 160 -16.97 -19.58 2.16
CA VAL A 160 -16.33 -20.68 1.45
C VAL A 160 -17.23 -21.90 1.43
N LYS A 161 -17.27 -22.58 0.29
CA LYS A 161 -18.09 -23.78 0.12
C LYS A 161 -17.18 -24.98 -0.14
N PRO A 162 -17.26 -26.01 0.70
CA PRO A 162 -16.43 -27.22 0.54
C PRO A 162 -16.55 -27.87 -0.84
N ASP A 163 -15.47 -28.49 -1.30
CA ASP A 163 -15.48 -29.14 -2.61
C ASP A 163 -15.93 -30.59 -2.51
N ALA A 164 -16.70 -31.03 -3.52
CA ALA A 164 -17.20 -32.39 -3.54
C ALA A 164 -16.11 -33.33 -4.06
N ASP A 165 -15.04 -33.47 -3.28
CA ASP A 165 -13.93 -34.33 -3.66
C ASP A 165 -14.39 -35.78 -3.79
N LYS B 26 1.66 -11.43 24.15
CA LYS B 26 1.84 -12.29 22.95
C LYS B 26 0.53 -12.35 22.17
N GLY B 27 0.37 -11.42 21.23
CA GLY B 27 -0.86 -11.36 20.45
C GLY B 27 -0.71 -11.93 19.05
N THR B 28 -1.84 -12.24 18.44
CA THR B 28 -1.86 -12.80 17.09
C THR B 28 -1.93 -11.68 16.05
N PHE B 29 -2.08 -12.07 14.78
CA PHE B 29 -2.17 -11.11 13.69
C PHE B 29 -3.47 -10.33 13.80
N LYS B 30 -4.50 -11.01 14.32
CA LYS B 30 -5.80 -10.41 14.49
C LYS B 30 -5.68 -9.24 15.47
N ASP B 31 -4.94 -9.45 16.56
CA ASP B 31 -4.73 -8.42 17.57
C ASP B 31 -3.92 -7.29 16.99
N TYR B 32 -2.92 -7.67 16.19
CA TYR B 32 -2.03 -6.70 15.55
C TYR B 32 -2.83 -5.72 14.68
N VAL B 33 -3.70 -6.24 13.81
CA VAL B 33 -4.52 -5.39 12.95
C VAL B 33 -5.46 -4.54 13.80
N ARG B 34 -6.19 -5.17 14.72
CA ARG B 34 -7.11 -4.46 15.59
C ARG B 34 -6.40 -3.27 16.26
N ASP B 35 -5.23 -3.53 16.83
CA ASP B 35 -4.42 -2.53 17.51
C ASP B 35 -3.96 -1.40 16.61
N ARG B 36 -3.66 -1.73 15.37
CA ARG B 36 -3.21 -0.74 14.41
C ARG B 36 -4.39 0.13 14.00
N ALA B 37 -5.54 -0.49 13.83
CA ALA B 37 -6.74 0.24 13.45
C ALA B 37 -7.13 1.21 14.58
N ASP B 38 -6.81 0.85 15.82
CA ASP B 38 -7.15 1.67 16.98
C ASP B 38 -6.12 2.74 17.34
N LEU B 39 -4.86 2.49 16.97
CA LEU B 39 -3.80 3.44 17.32
C LEU B 39 -3.35 4.38 16.22
N ASN B 40 -2.36 3.97 15.43
CA ASN B 40 -1.86 4.82 14.35
C ASN B 40 -2.99 5.26 13.42
N LYS B 41 -3.47 6.47 13.64
CA LYS B 41 -4.56 7.01 12.86
C LYS B 41 -4.22 8.34 12.19
N ASP B 42 -3.62 8.28 11.01
CA ASP B 42 -3.26 9.49 10.26
C ASP B 42 -3.11 9.23 8.76
N LYS B 43 -4.23 9.25 8.05
CA LYS B 43 -4.24 9.03 6.62
C LYS B 43 -4.14 10.32 5.84
N PRO B 44 -3.08 10.48 5.04
CA PRO B 44 -2.95 11.70 4.27
C PRO B 44 -4.06 11.78 3.23
N VAL B 45 -4.67 12.95 3.09
CA VAL B 45 -5.74 13.14 2.12
C VAL B 45 -5.25 12.88 0.71
N ILE B 46 -4.00 13.25 0.41
CA ILE B 46 -3.46 13.02 -0.93
C ILE B 46 -2.23 12.10 -0.88
N PRO B 47 -2.45 10.78 -0.97
CA PRO B 47 -1.36 9.80 -0.95
C PRO B 47 -0.51 9.92 -2.23
N ALA B 48 0.74 10.32 -2.07
CA ALA B 48 1.64 10.48 -3.22
C ALA B 48 1.58 9.29 -4.16
N ALA B 49 1.46 8.10 -3.59
CA ALA B 49 1.41 6.89 -4.40
C ALA B 49 0.17 6.88 -5.27
N ALA B 50 -1.00 7.08 -4.64
CA ALA B 50 -2.26 7.10 -5.39
C ALA B 50 -2.23 8.21 -6.44
N LEU B 51 -1.60 9.33 -6.09
CA LEU B 51 -1.52 10.47 -7.01
C LEU B 51 -0.69 10.12 -8.25
N ALA B 52 0.42 9.42 -8.05
CA ALA B 52 1.26 9.05 -9.18
C ALA B 52 0.47 8.14 -10.11
N GLY B 53 -0.43 7.35 -9.53
CA GLY B 53 -1.22 6.45 -10.34
C GLY B 53 -2.23 7.23 -11.15
N TYR B 54 -2.95 8.11 -10.48
CA TYR B 54 -3.94 8.94 -11.15
C TYR B 54 -3.31 9.63 -12.35
N THR B 55 -2.31 10.48 -12.07
CA THR B 55 -1.64 11.21 -13.12
C THR B 55 -0.85 10.28 -14.04
N GLY B 56 -0.63 9.05 -13.59
CA GLY B 56 0.13 8.11 -14.39
C GLY B 56 1.57 8.52 -14.55
N SER B 57 2.16 9.05 -13.48
CA SER B 57 3.56 9.47 -13.52
C SER B 57 4.48 8.31 -13.14
N GLY B 58 3.89 7.20 -12.72
CA GLY B 58 4.68 6.04 -12.32
C GLY B 58 5.41 6.29 -11.01
N PRO B 59 6.74 6.40 -11.03
CA PRO B 59 7.52 6.63 -9.81
C PRO B 59 7.08 7.90 -9.08
N ILE B 60 6.91 7.80 -7.77
CA ILE B 60 6.51 8.92 -6.96
C ILE B 60 7.45 10.10 -7.23
N GLN B 61 6.88 11.30 -7.29
CA GLN B 61 7.64 12.51 -7.53
C GLN B 61 7.82 13.26 -6.23
N LEU B 62 8.84 14.10 -6.16
CA LEU B 62 9.07 14.85 -4.94
C LEU B 62 7.92 15.82 -4.67
N TRP B 63 7.43 16.49 -5.71
CA TRP B 63 6.34 17.44 -5.48
C TRP B 63 5.06 16.73 -5.04
N GLN B 64 4.91 15.47 -5.41
CA GLN B 64 3.74 14.69 -5.04
C GLN B 64 3.87 14.24 -3.59
N PHE B 65 5.11 14.08 -3.14
CA PHE B 65 5.41 13.66 -1.77
C PHE B 65 5.15 14.82 -0.80
N LEU B 66 5.56 16.02 -1.20
CA LEU B 66 5.34 17.19 -0.35
C LEU B 66 3.85 17.35 -0.08
N LEU B 67 3.05 17.04 -1.09
CA LEU B 67 1.60 17.14 -0.96
C LEU B 67 1.07 16.17 0.07
N GLU B 68 1.57 14.95 0.02
CA GLU B 68 1.15 13.93 0.96
C GLU B 68 1.40 14.37 2.41
N LEU B 69 2.62 14.89 2.65
CA LEU B 69 3.00 15.37 3.97
C LEU B 69 2.13 16.55 4.35
N LEU B 70 1.91 17.44 3.38
CA LEU B 70 1.09 18.60 3.61
C LEU B 70 -0.36 18.22 3.90
N THR B 71 -0.77 17.02 3.45
CA THR B 71 -2.13 16.53 3.70
C THR B 71 -2.16 15.47 4.80
N ASP B 72 -1.13 15.47 5.64
CA ASP B 72 -1.03 14.54 6.76
C ASP B 72 -0.75 15.37 8.01
N LYS B 73 -1.76 15.50 8.88
CA LYS B 73 -1.62 16.28 10.10
C LYS B 73 -0.36 15.97 10.91
N SER B 74 -0.07 14.69 11.14
CA SER B 74 1.08 14.29 11.92
C SER B 74 2.39 14.86 11.37
N CYS B 75 2.31 15.64 10.30
CA CYS B 75 3.50 16.24 9.71
C CYS B 75 3.49 17.75 9.87
N GLN B 76 2.39 18.29 10.39
CA GLN B 76 2.31 19.73 10.56
C GLN B 76 3.39 20.29 11.47
N SER B 77 4.30 19.43 11.90
CA SER B 77 5.38 19.87 12.79
C SER B 77 6.53 20.43 11.95
N PHE B 78 6.88 19.70 10.89
CA PHE B 78 7.97 20.10 10.02
C PHE B 78 7.52 20.53 8.61
N ILE B 79 6.23 20.80 8.45
CA ILE B 79 5.67 21.23 7.17
C ILE B 79 4.14 21.42 7.23
N SER B 80 3.68 22.60 6.80
CA SER B 80 2.27 22.90 6.83
C SER B 80 1.88 24.07 5.93
N TRP B 81 0.58 24.22 5.71
CA TRP B 81 0.06 25.31 4.89
C TRP B 81 0.06 26.62 5.69
N THR B 82 0.52 27.69 5.06
CA THR B 82 0.55 29.00 5.72
C THR B 82 -0.85 29.59 5.80
N GLY B 83 -1.77 29.05 5.01
CA GLY B 83 -3.14 29.53 5.01
C GLY B 83 -3.46 30.34 3.76
N ASP B 84 -2.44 30.85 3.08
CA ASP B 84 -2.60 31.65 1.85
C ASP B 84 -2.50 30.78 0.60
N GLY B 85 -3.66 30.39 0.09
CA GLY B 85 -3.68 29.55 -1.10
C GLY B 85 -2.89 28.27 -0.97
N TRP B 86 -2.11 27.94 -1.99
CA TRP B 86 -1.32 26.72 -1.99
C TRP B 86 0.06 27.00 -1.43
N GLU B 87 0.16 28.06 -0.64
CA GLU B 87 1.43 28.42 -0.03
C GLU B 87 1.66 27.55 1.21
N PHE B 88 2.88 27.08 1.33
CA PHE B 88 3.28 26.24 2.44
C PHE B 88 4.69 26.62 2.85
N LYS B 89 5.10 26.21 4.04
CA LYS B 89 6.44 26.50 4.53
C LYS B 89 7.06 25.26 5.14
N LEU B 90 8.39 25.24 5.13
CA LEU B 90 9.17 24.14 5.70
C LEU B 90 9.68 24.58 7.07
N SER B 91 9.02 24.14 8.13
CA SER B 91 9.44 24.50 9.47
C SER B 91 10.72 23.75 9.83
N ASP B 92 10.86 22.53 9.30
CA ASP B 92 12.07 21.75 9.53
C ASP B 92 12.41 21.00 8.24
N PRO B 93 13.13 21.69 7.34
CA PRO B 93 13.58 21.19 6.03
C PRO B 93 14.16 19.78 6.01
N ASP B 94 15.20 19.55 6.82
CA ASP B 94 15.87 18.25 6.87
C ASP B 94 14.95 17.09 7.20
N GLU B 95 13.85 17.37 7.90
CA GLU B 95 12.91 16.33 8.27
C GLU B 95 12.21 15.80 7.01
N VAL B 96 11.82 16.73 6.13
CA VAL B 96 11.16 16.39 4.87
C VAL B 96 12.19 15.66 4.01
N ALA B 97 13.44 16.14 4.10
CA ALA B 97 14.56 15.56 3.36
C ALA B 97 14.89 14.15 3.85
N ARG B 98 14.60 13.89 5.12
CA ARG B 98 14.87 12.58 5.70
C ARG B 98 13.83 11.57 5.25
N ARG B 99 12.57 11.85 5.53
CA ARG B 99 11.48 10.95 5.15
C ARG B 99 11.52 10.68 3.66
N TRP B 100 11.82 11.73 2.89
CA TRP B 100 11.90 11.60 1.43
C TRP B 100 12.94 10.53 1.07
N GLY B 101 14.03 10.53 1.83
CA GLY B 101 15.09 9.57 1.60
C GLY B 101 14.70 8.14 1.98
N LYS B 102 14.02 8.00 3.11
CA LYS B 102 13.59 6.70 3.59
C LYS B 102 12.38 6.20 2.78
N ARG B 103 11.78 7.09 1.99
CA ARG B 103 10.63 6.74 1.19
C ARG B 103 11.05 6.29 -0.21
N LYS B 104 12.16 6.81 -0.70
CA LYS B 104 12.66 6.45 -2.03
C LYS B 104 13.97 5.68 -1.98
N ASN B 105 14.18 4.92 -0.91
CA ASN B 105 15.39 4.12 -0.74
C ASN B 105 16.66 4.95 -1.02
N LYS B 106 16.63 6.21 -0.62
CA LYS B 106 17.78 7.08 -0.84
C LYS B 106 18.32 7.57 0.51
N PRO B 107 18.88 6.65 1.31
CA PRO B 107 19.43 6.97 2.63
C PRO B 107 20.54 8.00 2.56
N LYS B 108 20.83 8.45 1.35
CA LYS B 108 21.87 9.45 1.13
C LYS B 108 21.25 10.79 0.77
N MET B 109 19.99 10.96 1.16
CA MET B 109 19.26 12.20 0.89
C MET B 109 19.40 13.19 2.03
N ASN B 110 20.08 14.30 1.75
CA ASN B 110 20.27 15.34 2.74
C ASN B 110 19.42 16.55 2.39
N TYR B 111 19.78 17.71 2.92
CA TYR B 111 19.04 18.93 2.66
C TYR B 111 19.32 19.57 1.30
N GLU B 112 20.55 19.42 0.80
CA GLU B 112 20.90 20.02 -0.48
C GLU B 112 20.43 19.17 -1.67
N LYS B 113 20.63 17.87 -1.60
CA LYS B 113 20.22 16.99 -2.68
C LYS B 113 18.71 17.09 -2.94
N LEU B 114 18.00 17.74 -2.03
CA LEU B 114 16.56 17.93 -2.16
C LEU B 114 16.24 19.36 -2.55
N SER B 115 17.11 20.29 -2.18
CA SER B 115 16.91 21.70 -2.51
C SER B 115 17.25 21.96 -3.97
N ARG B 116 17.92 21.00 -4.61
CA ARG B 116 18.30 21.11 -6.00
C ARG B 116 17.15 20.75 -6.92
N GLY B 117 16.25 19.91 -6.40
CA GLY B 117 15.09 19.49 -7.16
C GLY B 117 14.02 20.57 -7.20
N LEU B 118 14.06 21.47 -6.21
CA LEU B 118 13.10 22.56 -6.15
C LEU B 118 13.33 23.56 -7.29
N ARG B 119 14.59 23.86 -7.58
CA ARG B 119 14.92 24.79 -8.67
C ARG B 119 14.32 24.27 -9.97
N TYR B 120 14.37 22.95 -10.16
CA TYR B 120 13.81 22.32 -11.33
C TYR B 120 12.32 22.61 -11.34
N TYR B 121 11.73 22.67 -10.15
CA TYR B 121 10.31 22.94 -10.02
C TYR B 121 9.94 24.39 -10.27
N TYR B 122 10.88 25.29 -10.02
CA TYR B 122 10.63 26.70 -10.25
C TYR B 122 10.56 26.95 -11.76
N ASP B 123 11.46 26.28 -12.49
CA ASP B 123 11.55 26.42 -13.93
C ASP B 123 10.40 25.76 -14.67
N LYS B 124 9.94 24.62 -14.17
CA LYS B 124 8.83 23.92 -14.77
C LYS B 124 7.53 24.49 -14.23
N ASN B 125 7.63 25.55 -13.41
CA ASN B 125 6.49 26.21 -12.78
C ASN B 125 5.55 25.29 -12.00
N ILE B 126 6.14 24.46 -11.17
CA ILE B 126 5.36 23.55 -10.33
C ILE B 126 5.31 24.16 -8.94
N ILE B 127 6.47 24.46 -8.39
CA ILE B 127 6.54 25.06 -7.08
C ILE B 127 7.36 26.34 -7.18
N HIS B 128 6.96 27.37 -6.42
CA HIS B 128 7.70 28.63 -6.39
C HIS B 128 8.10 28.97 -4.96
N LYS B 129 8.85 30.06 -4.81
CA LYS B 129 9.32 30.53 -3.50
C LYS B 129 8.82 31.94 -3.28
N THR B 130 8.21 32.17 -2.12
CA THR B 130 7.67 33.48 -1.75
C THR B 130 8.76 34.49 -1.44
N ALA B 131 8.62 35.69 -2.01
CA ALA B 131 9.56 36.78 -1.81
C ALA B 131 9.50 37.32 -0.38
N GLY B 132 10.64 37.32 0.31
CA GLY B 132 10.67 37.81 1.67
C GLY B 132 10.54 36.69 2.68
N LYS B 133 11.07 35.52 2.33
CA LYS B 133 11.01 34.35 3.21
C LYS B 133 12.34 33.58 3.14
N ARG B 134 12.32 32.35 3.63
CA ARG B 134 13.50 31.51 3.64
C ARG B 134 13.14 30.11 3.14
N TYR B 135 12.19 29.47 3.81
CA TYR B 135 11.75 28.13 3.43
C TYR B 135 10.27 28.10 3.07
N VAL B 136 9.74 29.24 2.67
CA VAL B 136 8.34 29.33 2.28
C VAL B 136 8.20 29.15 0.78
N TYR B 137 7.31 28.25 0.37
CA TYR B 137 7.08 27.97 -1.04
C TYR B 137 5.60 28.00 -1.37
N ARG B 138 5.29 27.77 -2.64
CA ARG B 138 3.90 27.77 -3.12
C ARG B 138 3.74 26.99 -4.43
N PHE B 139 2.72 26.15 -4.50
CA PHE B 139 2.43 25.40 -5.73
C PHE B 139 1.85 26.41 -6.70
N VAL B 140 2.39 26.50 -7.91
CA VAL B 140 1.86 27.45 -8.89
C VAL B 140 1.12 26.75 -10.01
N CYS B 141 1.05 25.42 -9.91
CA CYS B 141 0.34 24.65 -10.91
C CYS B 141 -1.12 24.52 -10.48
N ASP B 142 -2.00 24.18 -11.41
CA ASP B 142 -3.40 24.09 -11.06
C ASP B 142 -3.78 22.84 -10.26
N LEU B 143 -3.52 22.88 -8.96
CA LEU B 143 -3.86 21.73 -8.11
C LEU B 143 -5.39 21.57 -7.94
N GLN B 144 -6.15 22.66 -8.03
CA GLN B 144 -7.62 22.57 -7.91
C GLN B 144 -8.21 21.62 -8.94
N SER B 145 -7.82 21.81 -10.19
CA SER B 145 -8.32 20.99 -11.31
C SER B 145 -7.73 19.58 -11.28
N LEU B 146 -6.57 19.44 -10.64
CA LEU B 146 -5.89 18.16 -10.54
C LEU B 146 -6.43 17.36 -9.36
N LEU B 147 -6.34 17.93 -8.16
CA LEU B 147 -6.81 17.25 -6.95
C LEU B 147 -8.33 17.24 -6.79
N GLY B 148 -8.97 18.35 -7.11
CA GLY B 148 -10.41 18.45 -6.97
C GLY B 148 -10.76 19.17 -5.69
N TYR B 149 -9.73 19.62 -4.97
CA TYR B 149 -9.96 20.35 -3.74
C TYR B 149 -9.53 21.79 -3.88
N THR B 150 -10.22 22.67 -3.16
CA THR B 150 -9.86 24.09 -3.19
C THR B 150 -8.82 24.27 -2.08
N PRO B 151 -7.96 25.28 -2.21
CA PRO B 151 -6.98 25.44 -1.13
C PRO B 151 -7.67 25.60 0.23
N GLU B 152 -8.68 26.47 0.30
CA GLU B 152 -9.41 26.73 1.54
C GLU B 152 -10.13 25.50 2.09
N GLU B 153 -10.60 24.64 1.19
CA GLU B 153 -11.28 23.41 1.58
C GLU B 153 -10.30 22.56 2.41
N LEU B 154 -9.21 22.11 1.79
CA LEU B 154 -8.22 21.31 2.50
C LEU B 154 -7.78 21.94 3.81
N HIS B 155 -7.55 23.26 3.79
CA HIS B 155 -7.11 23.94 5.00
C HIS B 155 -8.01 23.59 6.18
N ALA B 156 -9.31 23.46 5.91
CA ALA B 156 -10.29 23.12 6.94
C ALA B 156 -10.11 21.67 7.36
N MET B 157 -10.06 20.77 6.38
CA MET B 157 -9.91 19.35 6.65
C MET B 157 -8.64 19.07 7.46
N LEU B 158 -7.68 20.00 7.40
CA LEU B 158 -6.43 19.83 8.12
C LEU B 158 -6.31 20.73 9.35
N ASP B 159 -7.41 21.40 9.70
CA ASP B 159 -7.43 22.28 10.86
C ASP B 159 -6.33 23.32 10.75
N VAL B 160 -6.07 23.79 9.53
CA VAL B 160 -5.03 24.78 9.31
C VAL B 160 -5.33 26.11 10.01
N LYS B 161 -4.28 26.72 10.57
CA LYS B 161 -4.41 28.00 11.27
C LYS B 161 -3.44 29.03 10.68
#